data_3EC3
#
_entry.id   3EC3
#
_cell.length_a   62.171
_cell.length_b   62.171
_cell.length_c   135.004
_cell.angle_alpha   90.00
_cell.angle_beta   90.00
_cell.angle_gamma   120.00
#
_symmetry.space_group_name_H-M   'P 31'
#
loop_
_entity.id
_entity.type
_entity.pdbx_description
1 polymer 'Protein disulfide-isomerase A4'
2 water water
#
_entity_poly.entity_id   1
_entity_poly.type   'polypeptide(L)'
_entity_poly.pdbx_seq_one_letter_code
;GPLGSPPSKEILTLKQVQEFLKDGDDVVILGVFQGVGDPGYLQYQDAANTLREDYKFHHTFSTEIAKFLKVSLGKLVL
(MSE)QPEKFQSKYEPR(MSE)HV(MSE)DVQGSTEASAIKDYVVKHALPLVGHRKTSNDAKRYSKRPLVVVYYSVDFSF
DYRTATQFWRNKVLEVAKDFPEYTFAIADEEDYATEVKDLGLSESGGDVNAAILDESGKKFA(MSE)EPEEFDSDALREF
V(MSE)AFKKGKLKPVIKSQPVPKNNKGAAAS
;
_entity_poly.pdbx_strand_id   A,B
#
# COMPACT_ATOMS: atom_id res chain seq x y z
N SER A 5 -17.18 26.96 12.88
CA SER A 5 -16.43 27.28 14.13
C SER A 5 -15.01 26.71 14.15
N PRO A 6 -14.29 26.90 15.27
CA PRO A 6 -12.85 26.69 15.17
C PRO A 6 -12.56 25.19 15.13
N PRO A 7 -11.87 24.70 14.09
CA PRO A 7 -11.72 23.24 14.05
C PRO A 7 -10.95 22.70 15.28
N SER A 8 -9.79 23.26 15.57
CA SER A 8 -9.00 22.83 16.73
C SER A 8 -9.40 23.50 18.07
N LYS A 9 -9.47 22.71 19.14
CA LYS A 9 -9.90 23.24 20.44
C LYS A 9 -8.74 23.49 21.35
N GLU A 10 -8.75 24.61 22.10
CA GLU A 10 -7.61 24.90 22.97
C GLU A 10 -7.52 23.98 24.21
N ILE A 11 -6.30 23.59 24.54
CA ILE A 11 -6.01 22.84 25.76
C ILE A 11 -5.52 23.89 26.72
N LEU A 12 -6.13 23.96 27.91
CA LEU A 12 -5.77 24.97 28.89
C LEU A 12 -4.78 24.43 29.92
N THR A 13 -4.87 23.14 30.27
CA THR A 13 -4.07 22.65 31.37
C THR A 13 -3.29 21.40 31.02
N LEU A 14 -2.30 21.12 31.84
CA LEU A 14 -1.55 19.90 31.67
C LEU A 14 -2.48 18.70 31.95
N LYS A 15 -3.39 18.87 32.92
CA LYS A 15 -4.32 17.78 33.30
C LYS A 15 -5.17 17.32 32.13
N GLN A 16 -5.55 18.25 31.26
CA GLN A 16 -6.32 17.93 30.04
C GLN A 16 -5.52 16.92 29.19
N VAL A 17 -4.26 17.23 28.94
CA VAL A 17 -3.41 16.33 28.11
C VAL A 17 -3.24 14.96 28.80
N GLN A 18 -2.97 14.97 30.11
CA GLN A 18 -2.91 13.70 30.89
C GLN A 18 -4.18 12.85 30.77
N GLU A 19 -5.34 13.49 30.87
CA GLU A 19 -6.61 12.81 30.70
C GLU A 19 -6.81 12.21 29.29
N PHE A 20 -6.38 12.92 28.27
CA PHE A 20 -6.43 12.39 26.91
C PHE A 20 -5.61 11.09 26.80
N LEU A 21 -4.47 11.07 27.44
CA LEU A 21 -3.55 9.95 27.20
C LEU A 21 -4.07 8.75 27.98
N LYS A 22 -4.73 9.03 29.11
CA LYS A 22 -5.21 7.99 30.00
C LYS A 22 -6.54 7.39 29.59
N ASP A 23 -7.45 8.25 29.12
CA ASP A 23 -8.85 7.91 28.94
C ASP A 23 -9.18 7.73 27.49
N GLY A 24 -8.32 8.26 26.64
CA GLY A 24 -8.67 8.41 25.25
C GLY A 24 -8.73 7.10 24.55
N ASP A 25 -9.38 7.12 23.38
CA ASP A 25 -9.50 5.97 22.52
C ASP A 25 -9.05 6.26 21.14
N ASP A 26 -8.50 7.46 20.92
CA ASP A 26 -8.10 7.88 19.62
C ASP A 26 -6.79 8.68 19.70
N VAL A 27 -6.16 8.84 18.55
CA VAL A 27 -4.95 9.66 18.40
C VAL A 27 -5.23 11.06 18.99
N VAL A 28 -4.29 11.55 19.79
CA VAL A 28 -4.27 12.89 20.32
C VAL A 28 -3.42 13.75 19.37
N ILE A 29 -4.07 14.74 18.74
CA ILE A 29 -3.41 15.58 17.79
C ILE A 29 -3.30 16.97 18.41
N LEU A 30 -2.06 17.42 18.58
CA LEU A 30 -1.80 18.63 19.33
C LEU A 30 -0.90 19.61 18.58
N GLY A 31 -1.45 20.76 18.24
CA GLY A 31 -0.63 21.86 17.68
C GLY A 31 -0.02 22.67 18.80
N VAL A 32 1.30 22.86 18.80
CA VAL A 32 1.95 23.62 19.87
C VAL A 32 2.58 24.87 19.26
N PHE A 33 2.04 26.02 19.57
CA PHE A 33 2.34 27.27 18.87
C PHE A 33 2.58 28.41 19.82
N GLN A 34 3.08 29.52 19.31
CA GLN A 34 3.43 30.65 20.17
C GLN A 34 2.21 31.48 20.58
N GLY A 35 1.19 31.46 19.74
CA GLY A 35 -0.03 32.21 20.04
C GLY A 35 -1.02 32.19 18.91
N VAL A 36 -2.12 32.90 19.11
CA VAL A 36 -3.25 32.80 18.22
C VAL A 36 -3.01 33.43 16.80
N GLY A 37 -1.98 34.25 16.66
CA GLY A 37 -1.63 34.88 15.37
C GLY A 37 -0.43 34.21 14.71
N ASP A 38 0.07 33.11 15.32
CA ASP A 38 1.28 32.40 14.86
C ASP A 38 1.02 31.83 13.44
N PRO A 39 1.78 32.25 12.41
CA PRO A 39 1.47 31.72 11.08
C PRO A 39 1.37 30.16 11.05
N GLY A 40 2.19 29.46 11.84
CA GLY A 40 2.15 27.99 11.85
C GLY A 40 0.83 27.50 12.41
N TYR A 41 0.36 28.15 13.47
CA TYR A 41 -0.96 27.81 14.01
C TYR A 41 -2.06 27.97 12.94
N LEU A 42 -1.96 28.98 12.10
CA LEU A 42 -3.01 29.24 11.13
C LEU A 42 -3.00 28.15 10.06
N GLN A 43 -1.82 27.69 9.69
CA GLN A 43 -1.68 26.57 8.77
C GLN A 43 -2.26 25.27 9.38
N TYR A 44 -2.01 25.09 10.67
CA TYR A 44 -2.57 23.93 11.41
C TYR A 44 -4.10 23.96 11.40
N GLN A 45 -4.70 25.13 11.68
CA GLN A 45 -6.17 25.26 11.70
C GLN A 45 -6.77 24.98 10.31
N ASP A 46 -6.06 25.37 9.25
CA ASP A 46 -6.46 25.09 7.84
C ASP A 46 -6.50 23.57 7.58
N ALA A 47 -5.41 22.89 7.91
CA ALA A 47 -5.36 21.43 7.87
C ALA A 47 -6.45 20.73 8.71
N ALA A 48 -6.65 21.21 9.93
CA ALA A 48 -7.62 20.65 10.86
C ALA A 48 -9.05 20.79 10.29
N ASN A 49 -9.33 21.95 9.70
CA ASN A 49 -10.66 22.21 9.15
C ASN A 49 -11.00 21.18 8.09
N THR A 50 -10.03 20.88 7.22
CA THR A 50 -10.20 19.90 6.17
C THR A 50 -10.47 18.51 6.74
N LEU A 51 -9.76 18.15 7.80
CA LEU A 51 -9.89 16.83 8.42
C LEU A 51 -10.89 16.72 9.59
N ARG A 52 -11.71 17.75 9.79
CA ARG A 52 -12.54 17.87 11.02
C ARG A 52 -13.62 16.78 11.24
N GLU A 53 -14.06 16.13 10.16
CA GLU A 53 -15.07 15.07 10.27
C GLU A 53 -14.41 13.74 10.67
N ASP A 54 -13.10 13.63 10.42
CA ASP A 54 -12.37 12.38 10.64
C ASP A 54 -11.50 12.31 11.90
N TYR A 55 -11.10 13.47 12.44
CA TYR A 55 -10.23 13.53 13.65
C TYR A 55 -10.64 14.66 14.57
N LYS A 56 -10.26 14.55 15.85
CA LYS A 56 -10.39 15.68 16.79
C LYS A 56 -9.01 16.35 16.86
N PHE A 57 -9.00 17.68 16.83
CA PHE A 57 -7.76 18.47 16.90
C PHE A 57 -7.70 19.39 18.13
N HIS A 58 -6.51 19.50 18.73
CA HIS A 58 -6.33 20.39 19.87
C HIS A 58 -5.11 21.27 19.57
N HIS A 59 -5.00 22.35 20.34
CA HIS A 59 -3.82 23.23 20.23
C HIS A 59 -3.49 23.82 21.55
N THR A 60 -2.24 24.24 21.72
CA THR A 60 -1.88 24.93 22.93
C THR A 60 -0.83 25.99 22.62
N PHE A 61 -0.86 27.06 23.40
CA PHE A 61 0.20 28.06 23.32
C PHE A 61 1.02 28.09 24.61
N SER A 62 0.85 27.07 25.45
CA SER A 62 1.45 27.02 26.81
C SER A 62 2.88 26.53 26.79
N THR A 63 3.82 27.35 27.27
CA THR A 63 5.21 26.92 27.37
C THR A 63 5.35 25.81 28.42
N GLU A 64 4.45 25.81 29.41
CA GLU A 64 4.41 24.78 30.44
C GLU A 64 4.10 23.41 29.83
N ILE A 65 3.12 23.39 28.92
CA ILE A 65 2.76 22.12 28.30
C ILE A 65 3.83 21.70 27.30
N ALA A 66 4.40 22.66 26.57
CA ALA A 66 5.50 22.36 25.63
C ALA A 66 6.68 21.72 26.40
N LYS A 67 7.05 22.35 27.52
CA LYS A 67 8.11 21.79 28.42
C LYS A 67 7.80 20.36 28.85
N PHE A 68 6.60 20.14 29.38
CA PHE A 68 6.14 18.79 29.72
C PHE A 68 6.30 17.82 28.55
N LEU A 69 5.93 18.27 27.35
CA LEU A 69 5.95 17.41 26.18
C LEU A 69 7.32 17.27 25.56
N LYS A 70 8.28 17.99 26.11
CA LYS A 70 9.66 18.01 25.64
C LYS A 70 9.80 18.49 24.17
N VAL A 71 9.01 19.49 23.79
CA VAL A 71 9.05 20.07 22.43
C VAL A 71 9.20 21.58 22.50
N SER A 72 9.81 22.18 21.48
CA SER A 72 9.78 23.66 21.42
C SER A 72 8.47 24.09 20.75
N LEU A 73 8.20 25.39 20.69
CA LEU A 73 6.95 25.87 20.08
C LEU A 73 7.10 25.72 18.57
N GLY A 74 5.97 25.58 17.87
CA GLY A 74 5.99 25.54 16.41
C GLY A 74 5.99 24.12 15.90
N LYS A 75 5.19 23.27 16.55
CA LYS A 75 5.18 21.86 16.25
C LYS A 75 3.77 21.26 16.18
N LEU A 76 3.61 20.23 15.38
CA LEU A 76 2.44 19.40 15.44
C LEU A 76 2.88 18.09 16.14
N VAL A 77 2.17 17.65 17.18
CA VAL A 77 2.59 16.52 17.97
C VAL A 77 1.42 15.54 17.91
N LEU A 78 1.69 14.28 17.59
CA LEU A 78 0.66 13.25 17.60
C LEU A 78 1.09 12.20 18.60
N MSE A 79 0.19 11.86 19.50
CA MSE A 79 0.46 10.89 20.53
C MSE A 79 -0.70 9.91 20.60
O MSE A 79 -1.82 10.25 20.23
CB MSE A 79 0.62 11.61 21.86
CG MSE A 79 1.81 12.53 21.89
SE MSE A 79 1.86 13.51 23.58
CE MSE A 79 0.50 14.84 23.13
N GLN A 80 -0.42 8.70 21.05
CA GLN A 80 -1.50 7.73 21.24
C GLN A 80 -1.82 7.63 22.73
N PRO A 81 -3.06 7.26 23.08
CA PRO A 81 -3.40 6.97 24.46
C PRO A 81 -2.47 5.81 24.98
N GLU A 82 -2.24 5.76 26.29
CA GLU A 82 -1.37 4.77 26.91
C GLU A 82 -1.76 3.36 26.46
N LYS A 83 -3.07 3.07 26.40
CA LYS A 83 -3.51 1.69 26.03
C LYS A 83 -3.04 1.25 24.62
N PHE A 84 -2.64 2.21 23.77
CA PHE A 84 -2.14 1.91 22.42
C PHE A 84 -0.66 2.10 22.19
N GLN A 85 0.08 2.46 23.25
CA GLN A 85 1.54 2.67 23.11
C GLN A 85 2.23 1.31 23.05
N SER A 86 3.50 1.27 22.64
CA SER A 86 4.23 -0.01 22.65
C SER A 86 5.71 0.25 22.70
N LYS A 87 6.47 -0.78 23.02
CA LYS A 87 7.96 -0.66 23.03
C LYS A 87 8.54 -0.32 21.67
N TYR A 88 7.78 -0.53 20.60
CA TYR A 88 8.31 -0.30 19.24
C TYR A 88 7.99 1.05 18.61
N GLU A 89 7.27 1.90 19.33
CA GLU A 89 6.79 3.16 18.78
C GLU A 89 7.19 4.30 19.67
N PRO A 90 7.60 5.45 19.08
CA PRO A 90 7.91 6.61 19.94
C PRO A 90 6.63 7.09 20.62
N ARG A 91 6.72 7.70 21.79
CA ARG A 91 5.54 8.25 22.43
C ARG A 91 4.97 9.43 21.66
N MSE A 92 5.80 10.09 20.87
CA MSE A 92 5.28 11.19 20.07
C MSE A 92 5.85 11.20 18.70
O MSE A 92 7.03 10.87 18.51
CB MSE A 92 5.47 12.56 20.75
CG MSE A 92 6.67 12.75 21.61
SE MSE A 92 6.27 14.51 22.53
CE MSE A 92 5.77 13.78 24.20
N HIS A 93 5.02 11.56 17.73
CA HIS A 93 5.52 11.91 16.40
C HIS A 93 5.41 13.42 16.30
N VAL A 94 6.53 14.08 15.95
CA VAL A 94 6.63 15.53 15.98
C VAL A 94 7.02 16.07 14.60
N MSE A 95 6.24 17.02 14.09
CA MSE A 95 6.50 17.66 12.80
C MSE A 95 6.66 19.16 13.00
O MSE A 95 5.89 19.77 13.73
CB MSE A 95 5.35 17.41 11.82
CG MSE A 95 5.56 18.08 10.45
SE MSE A 95 3.99 17.81 9.36
CE MSE A 95 2.82 18.64 10.30
N ASP A 96 7.69 19.73 12.38
CA ASP A 96 7.86 21.20 12.38
C ASP A 96 6.75 21.81 11.59
N VAL A 97 6.14 22.89 12.13
CA VAL A 97 5.08 23.60 11.43
C VAL A 97 5.29 25.11 11.51
N GLN A 98 5.50 25.74 10.35
CA GLN A 98 5.52 27.20 10.30
C GLN A 98 4.65 27.78 9.20
N GLY A 99 4.78 29.10 8.99
CA GLY A 99 3.91 29.79 8.06
C GLY A 99 4.07 29.19 6.69
N SER A 100 5.30 28.75 6.41
CA SER A 100 5.68 28.24 5.09
C SER A 100 5.26 26.78 4.87
N THR A 101 4.99 26.04 5.95
CA THR A 101 4.51 24.67 5.89
C THR A 101 3.17 24.54 5.14
N GLU A 102 3.14 23.72 4.09
CA GLU A 102 1.91 23.52 3.33
C GLU A 102 0.87 22.80 4.18
N ALA A 103 -0.39 23.22 4.08
CA ALA A 103 -1.46 22.59 4.86
C ALA A 103 -1.61 21.14 4.45
N SER A 104 -1.41 20.88 3.16
CA SER A 104 -1.43 19.51 2.65
C SER A 104 -0.40 18.60 3.30
N ALA A 105 0.79 19.11 3.64
CA ALA A 105 1.81 18.32 4.35
C ALA A 105 1.35 18.00 5.78
N ILE A 106 0.70 18.96 6.42
CA ILE A 106 0.17 18.74 7.78
C ILE A 106 -0.87 17.65 7.73
N LYS A 107 -1.80 17.78 6.78
CA LYS A 107 -2.88 16.83 6.58
C LYS A 107 -2.31 15.44 6.30
N ASP A 108 -1.32 15.35 5.41
CA ASP A 108 -0.62 14.10 5.14
C ASP A 108 0.00 13.44 6.38
N TYR A 109 0.71 14.23 7.21
CA TYR A 109 1.41 13.69 8.39
C TYR A 109 0.41 13.10 9.41
N VAL A 110 -0.71 13.80 9.60
CA VAL A 110 -1.79 13.32 10.49
C VAL A 110 -2.35 11.99 9.98
N VAL A 111 -2.65 11.91 8.69
CA VAL A 111 -3.21 10.65 8.15
C VAL A 111 -2.16 9.53 8.29
N LYS A 112 -0.93 9.82 7.89
CA LYS A 112 0.17 8.86 7.99
C LYS A 112 0.30 8.30 9.39
N HIS A 113 0.30 9.17 10.40
CA HIS A 113 0.62 8.79 11.77
C HIS A 113 -0.52 8.61 12.77
N ALA A 114 -1.75 8.60 12.29
CA ALA A 114 -2.86 8.54 13.22
C ALA A 114 -3.15 7.14 13.75
N LEU A 115 -2.65 6.07 13.11
CA LEU A 115 -2.97 4.76 13.62
C LEU A 115 -1.80 4.22 14.44
N PRO A 116 -2.09 3.58 15.57
CA PRO A 116 -1.00 2.89 16.23
C PRO A 116 -0.60 1.60 15.50
N LEU A 117 0.56 1.05 15.84
CA LEU A 117 0.97 -0.24 15.31
C LEU A 117 -0.11 -1.28 15.52
N VAL A 118 -0.69 -1.34 16.72
CA VAL A 118 -1.87 -2.22 16.93
C VAL A 118 -2.94 -1.48 17.74
N GLY A 119 -3.92 -0.95 17.00
CA GLY A 119 -5.04 -0.23 17.57
C GLY A 119 -6.23 -1.12 17.75
N HIS A 120 -7.35 -0.52 18.14
CA HIS A 120 -8.60 -1.26 18.40
C HIS A 120 -9.62 -0.89 17.32
N ARG A 121 -9.88 -1.84 16.44
CA ARG A 121 -10.86 -1.68 15.36
C ARG A 121 -12.25 -1.93 15.94
N LYS A 122 -13.13 -0.96 15.77
CA LYS A 122 -14.44 -0.96 16.36
C LYS A 122 -15.44 -0.74 15.25
N THR A 123 -16.62 -1.36 15.34
CA THR A 123 -17.68 -1.03 14.39
C THR A 123 -17.94 0.49 14.27
N SER A 124 -17.70 1.24 15.35
CA SER A 124 -17.78 2.70 15.32
C SER A 124 -16.63 3.46 14.61
N ASN A 125 -15.50 2.80 14.39
CA ASN A 125 -14.37 3.48 13.76
C ASN A 125 -13.84 2.78 12.52
N ASP A 126 -14.45 1.66 12.10
CA ASP A 126 -13.75 0.89 11.08
C ASP A 126 -13.71 1.53 9.69
N ALA A 127 -14.78 2.23 9.31
CA ALA A 127 -14.77 2.97 8.05
C ALA A 127 -13.79 4.14 8.04
N LYS A 128 -13.76 4.91 9.11
CA LYS A 128 -12.88 6.08 9.20
C LYS A 128 -11.43 5.78 9.60
N ARG A 129 -11.22 4.71 10.34
CA ARG A 129 -9.85 4.38 10.78
C ARG A 129 -9.27 3.20 10.06
N TYR A 130 -10.10 2.22 9.77
CA TYR A 130 -9.57 0.94 9.30
C TYR A 130 -10.00 0.59 7.89
N SER A 131 -9.80 1.57 7.01
CA SER A 131 -10.11 1.47 5.60
C SER A 131 -8.94 0.95 4.81
N LYS A 132 -7.71 1.16 5.29
CA LYS A 132 -6.54 0.74 4.52
C LYS A 132 -6.46 -0.78 4.44
N ARG A 133 -6.02 -1.30 3.30
CA ARG A 133 -5.84 -2.75 3.10
C ARG A 133 -4.45 -3.01 2.48
N PRO A 134 -3.88 -4.21 2.73
CA PRO A 134 -4.43 -5.29 3.60
C PRO A 134 -4.50 -4.97 5.11
N LEU A 135 -5.49 -5.54 5.78
CA LEU A 135 -5.71 -5.33 7.21
C LEU A 135 -5.74 -6.69 7.92
N VAL A 136 -4.87 -6.84 8.91
CA VAL A 136 -4.81 -8.08 9.69
C VAL A 136 -5.64 -7.81 10.94
N VAL A 137 -6.71 -8.60 11.18
CA VAL A 137 -7.55 -8.43 12.37
C VAL A 137 -7.44 -9.60 13.34
N VAL A 138 -7.20 -9.32 14.62
CA VAL A 138 -7.15 -10.34 15.65
C VAL A 138 -8.37 -10.17 16.60
N TYR A 139 -9.20 -11.21 16.64
CA TYR A 139 -10.47 -11.16 17.36
C TYR A 139 -10.41 -11.88 18.72
N TYR A 140 -10.90 -11.20 19.74
CA TYR A 140 -11.01 -11.77 21.08
C TYR A 140 -11.87 -10.89 21.96
N SER A 141 -11.89 -11.17 23.26
CA SER A 141 -12.64 -10.32 24.19
C SER A 141 -11.83 -9.09 24.56
N VAL A 142 -12.16 -7.94 23.98
CA VAL A 142 -11.32 -6.73 24.12
C VAL A 142 -11.93 -5.84 25.20
N ASP A 143 -11.19 -5.59 26.29
CA ASP A 143 -11.79 -4.88 27.40
C ASP A 143 -10.66 -4.14 28.12
N PHE A 144 -10.65 -2.81 28.00
CA PHE A 144 -9.60 -1.99 28.59
C PHE A 144 -9.92 -1.47 30.00
N SER A 145 -11.01 -1.96 30.61
CA SER A 145 -11.35 -1.56 31.96
C SER A 145 -10.26 -2.10 32.93
N PHE A 146 -10.20 -1.52 34.13
CA PHE A 146 -9.21 -1.90 35.14
C PHE A 146 -9.10 -3.42 35.35
N ASP A 147 -10.23 -4.09 35.49
CA ASP A 147 -10.21 -5.53 35.79
C ASP A 147 -9.79 -6.43 34.64
N TYR A 148 -9.87 -5.93 33.39
CA TYR A 148 -9.64 -6.82 32.23
C TYR A 148 -8.52 -6.40 31.30
N ARG A 149 -7.94 -5.23 31.55
CA ARG A 149 -6.99 -4.64 30.61
C ARG A 149 -5.65 -5.39 30.59
N THR A 150 -5.26 -6.03 31.72
CA THR A 150 -4.03 -6.81 31.68
C THR A 150 -4.13 -7.93 30.65
N ALA A 151 -5.21 -8.71 30.71
CA ALA A 151 -5.42 -9.79 29.75
C ALA A 151 -5.55 -9.28 28.32
N THR A 152 -6.22 -8.14 28.13
CA THR A 152 -6.37 -7.57 26.81
C THR A 152 -5.01 -7.23 26.24
N GLN A 153 -4.16 -6.66 27.08
CA GLN A 153 -2.80 -6.24 26.66
C GLN A 153 -1.91 -7.46 26.46
N PHE A 154 -2.17 -8.51 27.26
CA PHE A 154 -1.47 -9.79 27.05
C PHE A 154 -1.57 -10.20 25.59
N TRP A 155 -2.79 -10.26 25.09
CA TRP A 155 -3.01 -10.66 23.70
C TRP A 155 -2.56 -9.61 22.68
N ARG A 156 -2.85 -8.35 22.97
CA ARG A 156 -2.36 -7.28 22.11
C ARG A 156 -0.84 -7.35 21.90
N ASN A 157 -0.11 -7.69 22.98
CA ASN A 157 1.31 -7.81 22.92
C ASN A 157 1.76 -8.88 21.89
N LYS A 158 1.02 -9.99 21.76
CA LYS A 158 1.37 -11.04 20.77
C LYS A 158 1.20 -10.52 19.37
N VAL A 159 0.17 -9.69 19.20
CA VAL A 159 -0.09 -9.06 17.89
C VAL A 159 1.00 -8.04 17.52
N LEU A 160 1.41 -7.24 18.50
CA LEU A 160 2.45 -6.22 18.27
C LEU A 160 3.78 -6.84 17.82
N GLU A 161 4.10 -7.97 18.41
CA GLU A 161 5.28 -8.76 17.96
C GLU A 161 5.31 -9.09 16.46
N VAL A 162 4.15 -9.33 15.85
CA VAL A 162 4.09 -9.61 14.43
C VAL A 162 3.98 -8.31 13.64
N ALA A 163 3.08 -7.43 14.11
CA ALA A 163 2.86 -6.15 13.45
C ALA A 163 4.14 -5.41 13.14
N LYS A 164 5.11 -5.41 14.05
CA LYS A 164 6.31 -4.58 13.85
C LYS A 164 7.15 -5.09 12.68
N ASP A 165 6.92 -6.34 12.30
CA ASP A 165 7.68 -6.99 11.21
C ASP A 165 7.06 -6.84 9.84
N PHE A 166 5.80 -6.38 9.82
CA PHE A 166 5.04 -6.21 8.58
C PHE A 166 4.45 -4.81 8.47
N PRO A 167 5.33 -3.80 8.40
CA PRO A 167 4.80 -2.45 8.34
C PRO A 167 3.93 -2.20 7.13
N GLU A 168 4.04 -3.07 6.13
CA GLU A 168 3.28 -2.94 4.89
C GLU A 168 1.78 -3.31 5.06
N TYR A 169 1.43 -3.94 6.19
CA TYR A 169 0.03 -4.24 6.51
C TYR A 169 -0.37 -3.48 7.77
N THR A 170 -1.67 -3.18 7.88
CA THR A 170 -2.26 -2.57 9.11
C THR A 170 -2.76 -3.75 9.98
N PHE A 171 -2.50 -3.68 11.30
CA PHE A 171 -2.95 -4.75 12.23
C PHE A 171 -3.86 -4.07 13.25
N ALA A 172 -4.88 -4.79 13.69
CA ALA A 172 -5.78 -4.27 14.71
C ALA A 172 -6.31 -5.42 15.53
N ILE A 173 -6.66 -5.15 16.80
CA ILE A 173 -7.41 -6.15 17.56
C ILE A 173 -8.89 -5.73 17.45
N ALA A 174 -9.79 -6.69 17.57
CA ALA A 174 -11.21 -6.44 17.39
C ALA A 174 -11.98 -7.29 18.40
N ASP A 175 -13.05 -6.73 18.96
CA ASP A 175 -13.83 -7.51 19.92
C ASP A 175 -14.68 -8.56 19.18
N GLU A 176 -14.66 -9.80 19.67
CA GLU A 176 -15.32 -10.93 18.94
C GLU A 176 -16.84 -10.82 18.89
N GLU A 177 -17.42 -10.20 19.91
CA GLU A 177 -18.88 -9.93 20.01
C GLU A 177 -19.28 -8.76 19.11
N ASP A 178 -18.55 -7.65 19.24
CA ASP A 178 -18.66 -6.49 18.34
C ASP A 178 -18.71 -6.96 16.89
N TYR A 179 -17.84 -7.92 16.56
CA TYR A 179 -17.80 -8.42 15.18
C TYR A 179 -18.34 -9.84 15.00
N ALA A 180 -19.34 -10.19 15.82
CA ALA A 180 -19.96 -11.52 15.79
C ALA A 180 -20.28 -12.03 14.37
N THR A 181 -20.96 -11.18 13.60
CA THR A 181 -21.41 -11.63 12.28
C THR A 181 -20.29 -11.64 11.25
N GLU A 182 -19.32 -10.74 11.37
CA GLU A 182 -18.10 -10.83 10.58
C GLU A 182 -17.37 -12.16 10.86
N VAL A 183 -17.30 -12.55 12.17
CA VAL A 183 -16.64 -13.79 12.61
C VAL A 183 -17.34 -15.07 12.13
N LYS A 184 -18.68 -15.06 12.18
CA LYS A 184 -19.50 -16.16 11.69
C LYS A 184 -19.20 -16.33 10.20
N ASP A 185 -19.28 -15.21 9.48
CA ASP A 185 -19.06 -15.17 8.02
C ASP A 185 -17.65 -15.58 7.57
N LEU A 186 -16.69 -15.42 8.46
CA LEU A 186 -15.32 -15.91 8.25
C LEU A 186 -15.18 -17.42 8.51
N GLY A 187 -16.25 -18.05 8.99
CA GLY A 187 -16.25 -19.46 9.37
C GLY A 187 -15.50 -19.77 10.65
N LEU A 188 -15.43 -18.78 11.54
CA LEU A 188 -14.61 -18.89 12.75
C LEU A 188 -15.41 -18.97 14.06
N SER A 189 -16.73 -18.92 13.95
CA SER A 189 -17.62 -18.95 15.11
C SER A 189 -17.62 -20.30 15.84
N GLU A 190 -17.40 -21.38 15.09
CA GLU A 190 -17.30 -22.73 15.69
C GLU A 190 -16.03 -22.97 16.51
N SER A 191 -14.89 -22.39 16.09
CA SER A 191 -13.56 -22.71 16.65
C SER A 191 -13.50 -22.72 18.18
N GLY A 192 -12.73 -23.66 18.72
CA GLY A 192 -12.63 -23.84 20.18
C GLY A 192 -11.57 -22.96 20.85
N GLY A 193 -11.16 -21.90 20.16
CA GLY A 193 -10.07 -21.03 20.61
C GLY A 193 -10.55 -19.66 21.02
N ASP A 194 -9.96 -19.11 22.08
CA ASP A 194 -10.33 -17.78 22.58
C ASP A 194 -9.91 -16.63 21.69
N VAL A 195 -8.98 -16.88 20.76
CA VAL A 195 -8.42 -15.82 19.92
C VAL A 195 -8.37 -16.30 18.48
N ASN A 196 -8.83 -15.48 17.55
CA ASN A 196 -8.89 -15.87 16.13
C ASN A 196 -8.37 -14.74 15.26
N ALA A 197 -8.02 -15.03 14.00
CA ALA A 197 -7.43 -14.00 13.15
C ALA A 197 -7.90 -14.10 11.70
N ALA A 198 -8.03 -12.94 11.06
CA ALA A 198 -8.35 -12.86 9.64
C ALA A 198 -7.53 -11.78 8.92
N ILE A 199 -7.45 -11.89 7.61
CA ILE A 199 -6.90 -10.83 6.79
C ILE A 199 -7.94 -10.36 5.79
N LEU A 200 -8.14 -9.04 5.72
CA LEU A 200 -8.93 -8.45 4.64
C LEU A 200 -7.99 -7.88 3.57
N ASP A 201 -8.13 -8.30 2.31
CA ASP A 201 -7.24 -7.78 1.25
C ASP A 201 -7.82 -6.64 0.43
N GLU A 202 -6.98 -6.11 -0.45
CA GLU A 202 -7.25 -4.91 -1.22
C GLU A 202 -8.36 -5.14 -2.24
N SER A 203 -8.65 -6.41 -2.55
CA SER A 203 -9.65 -6.75 -3.58
C SER A 203 -11.05 -6.97 -3.04
N GLY A 204 -11.16 -7.14 -1.73
CA GLY A 204 -12.45 -7.37 -1.10
C GLY A 204 -12.61 -8.80 -0.61
N LYS A 205 -11.55 -9.59 -0.76
CA LYS A 205 -11.54 -10.98 -0.29
C LYS A 205 -11.09 -11.02 1.18
N LYS A 206 -11.47 -12.10 1.86
CA LYS A 206 -11.15 -12.29 3.29
C LYS A 206 -10.55 -13.67 3.49
N PHE A 207 -9.59 -13.77 4.41
CA PHE A 207 -8.91 -15.05 4.66
C PHE A 207 -8.96 -15.34 6.16
N ALA A 208 -9.44 -16.52 6.54
CA ALA A 208 -9.55 -16.83 7.97
C ALA A 208 -8.41 -17.74 8.40
N MSE A 209 -7.82 -17.44 9.56
CA MSE A 209 -6.74 -18.28 10.11
C MSE A 209 -7.29 -19.57 10.68
O MSE A 209 -8.19 -19.55 11.51
CB MSE A 209 -5.92 -17.56 11.19
CG MSE A 209 -4.73 -18.39 11.70
SE MSE A 209 -3.70 -17.50 13.07
CE MSE A 209 -4.06 -18.56 14.55
N GLU A 210 -6.71 -20.68 10.22
CA GLU A 210 -6.91 -22.01 10.78
C GLU A 210 -6.75 -21.98 12.29
N PRO A 211 -7.88 -22.13 13.04
CA PRO A 211 -7.86 -22.11 14.51
C PRO A 211 -6.78 -22.99 15.11
N GLU A 212 -5.96 -22.38 15.96
CA GLU A 212 -4.82 -23.04 16.59
C GLU A 212 -4.62 -22.31 17.90
N GLU A 213 -3.92 -22.92 18.85
CA GLU A 213 -3.54 -22.17 20.05
C GLU A 213 -2.76 -20.91 19.61
N PHE A 214 -3.29 -19.76 19.97
CA PHE A 214 -2.83 -18.51 19.41
C PHE A 214 -1.53 -18.06 20.06
N ASP A 215 -0.55 -17.82 19.21
CA ASP A 215 0.68 -17.16 19.64
C ASP A 215 1.20 -16.36 18.45
N SER A 216 2.24 -15.58 18.68
CA SER A 216 2.88 -14.78 17.63
C SER A 216 3.34 -15.57 16.40
N ASP A 217 3.97 -16.71 16.66
CA ASP A 217 4.41 -17.63 15.60
C ASP A 217 3.31 -18.02 14.63
N ALA A 218 2.18 -18.46 15.19
CA ALA A 218 1.04 -18.88 14.40
C ALA A 218 0.50 -17.70 13.60
N LEU A 219 0.36 -16.54 14.27
CA LEU A 219 0.00 -15.34 13.56
C LEU A 219 1.03 -14.96 12.49
N ARG A 220 2.32 -15.05 12.80
CA ARG A 220 3.34 -14.71 11.78
C ARG A 220 3.28 -15.62 10.52
N GLU A 221 2.96 -16.90 10.75
CA GLU A 221 2.84 -17.89 9.68
C GLU A 221 1.67 -17.62 8.74
N PHE A 222 0.54 -17.23 9.32
CA PHE A 222 -0.69 -16.85 8.62
C PHE A 222 -0.49 -15.63 7.71
N VAL A 223 0.11 -14.56 8.26
CA VAL A 223 0.48 -13.37 7.50
C VAL A 223 1.52 -13.68 6.38
N MSE A 224 2.53 -14.49 6.71
CA MSE A 224 3.53 -14.89 5.71
C MSE A 224 2.87 -15.67 4.58
O MSE A 224 3.14 -15.44 3.39
CB MSE A 224 4.65 -15.72 6.36
CG MSE A 224 5.85 -14.91 6.85
SE MSE A 224 6.71 -13.95 5.34
CE MSE A 224 8.17 -12.97 6.27
N ALA A 225 1.97 -16.59 4.94
CA ALA A 225 1.29 -17.43 3.93
C ALA A 225 0.42 -16.54 3.04
N PHE A 226 -0.21 -15.53 3.65
CA PHE A 226 -0.95 -14.51 2.94
C PHE A 226 -0.07 -13.77 1.93
N LYS A 227 1.07 -13.29 2.40
CA LYS A 227 2.03 -12.51 1.61
C LYS A 227 2.47 -13.27 0.39
N LYS A 228 2.72 -14.56 0.62
CA LYS A 228 3.25 -15.47 -0.39
C LYS A 228 2.16 -16.04 -1.31
N GLY A 229 0.91 -15.61 -1.08
CA GLY A 229 -0.22 -16.03 -1.89
C GLY A 229 -0.61 -17.49 -1.70
N LYS A 230 -0.43 -18.02 -0.48
CA LYS A 230 -0.63 -19.45 -0.22
C LYS A 230 -1.99 -19.76 0.44
N LEU A 231 -2.80 -18.72 0.64
CA LEU A 231 -4.13 -18.84 1.28
C LEU A 231 -5.27 -18.74 0.26
N LYS A 232 -6.42 -19.32 0.62
CA LYS A 232 -7.63 -19.26 -0.21
C LYS A 232 -8.71 -18.50 0.56
N PRO A 233 -9.49 -17.66 -0.15
CA PRO A 233 -10.46 -16.80 0.53
C PRO A 233 -11.76 -17.47 0.95
N VAL A 234 -12.39 -16.87 1.96
CA VAL A 234 -13.72 -17.32 2.41
C VAL A 234 -14.80 -16.89 1.37
N ILE A 235 -15.92 -17.60 1.33
CA ILE A 235 -17.03 -17.20 0.45
C ILE A 235 -18.33 -17.19 1.27
N SER B 5 -15.46 7.79 -30.18
CA SER B 5 -15.05 6.50 -30.84
C SER B 5 -14.92 5.33 -29.85
N PRO B 6 -15.00 4.09 -30.37
CA PRO B 6 -15.07 2.95 -29.45
C PRO B 6 -13.73 2.82 -28.73
N PRO B 7 -13.74 2.69 -27.39
CA PRO B 7 -12.44 2.73 -26.69
C PRO B 7 -11.56 1.49 -27.03
N SER B 8 -12.13 0.31 -27.01
CA SER B 8 -11.38 -0.91 -27.38
C SER B 8 -11.37 -1.20 -28.90
N LYS B 9 -10.19 -1.57 -29.41
CA LYS B 9 -10.04 -1.84 -30.84
C LYS B 9 -10.07 -3.31 -31.14
N GLU B 10 -10.75 -3.72 -32.20
CA GLU B 10 -10.82 -5.16 -32.50
C GLU B 10 -9.48 -5.72 -33.01
N ILE B 11 -9.18 -6.93 -32.59
CA ILE B 11 -8.05 -7.70 -33.07
C ILE B 11 -8.65 -8.66 -34.09
N LEU B 12 -8.10 -8.68 -35.30
CA LEU B 12 -8.66 -9.47 -36.37
C LEU B 12 -7.89 -10.76 -36.52
N THR B 13 -6.60 -10.78 -36.21
CA THR B 13 -5.78 -11.96 -36.54
C THR B 13 -4.93 -12.41 -35.36
N LEU B 14 -4.52 -13.66 -35.41
CA LEU B 14 -3.58 -14.19 -34.41
C LEU B 14 -2.23 -13.47 -34.47
N LYS B 15 -1.82 -13.08 -35.68
CA LYS B 15 -0.55 -12.34 -35.87
C LYS B 15 -0.53 -10.99 -35.16
N GLN B 16 -1.68 -10.30 -35.10
CA GLN B 16 -1.78 -9.07 -34.30
C GLN B 16 -1.41 -9.32 -32.83
N VAL B 17 -1.97 -10.37 -32.24
CA VAL B 17 -1.67 -10.69 -30.82
C VAL B 17 -0.18 -11.06 -30.63
N GLN B 18 0.35 -11.90 -31.51
CA GLN B 18 1.79 -12.21 -31.54
C GLN B 18 2.67 -10.98 -31.64
N GLU B 19 2.29 -10.03 -32.48
CA GLU B 19 3.07 -8.81 -32.64
C GLU B 19 3.05 -7.97 -31.33
N PHE B 20 1.93 -7.96 -30.64
CA PHE B 20 1.80 -7.24 -29.38
C PHE B 20 2.76 -7.80 -28.33
N LEU B 21 2.88 -9.11 -28.33
CA LEU B 21 3.62 -9.77 -27.24
C LEU B 21 5.09 -9.59 -27.54
N LYS B 22 5.44 -9.56 -28.83
CA LYS B 22 6.85 -9.49 -29.24
C LYS B 22 7.40 -8.06 -29.22
N ASP B 23 6.61 -7.11 -29.67
CA ASP B 23 7.09 -5.76 -29.94
C ASP B 23 6.62 -4.78 -28.91
N GLY B 24 5.64 -5.20 -28.13
CA GLY B 24 4.98 -4.29 -27.23
C GLY B 24 5.87 -3.84 -26.12
N ASP B 25 5.45 -2.76 -25.48
CA ASP B 25 6.17 -2.24 -24.34
C ASP B 25 5.19 -1.86 -23.26
N ASP B 26 3.92 -2.33 -23.39
CA ASP B 26 2.92 -2.10 -22.40
C ASP B 26 2.05 -3.39 -22.28
N VAL B 27 1.30 -3.40 -21.19
CA VAL B 27 0.30 -4.43 -20.86
C VAL B 27 -0.63 -4.57 -22.06
N VAL B 28 -0.83 -5.83 -22.48
CA VAL B 28 -1.80 -6.15 -23.50
C VAL B 28 -3.13 -6.50 -22.82
N ILE B 29 -4.16 -5.70 -23.05
CA ILE B 29 -5.46 -5.92 -22.41
C ILE B 29 -6.44 -6.40 -23.48
N LEU B 30 -6.97 -7.62 -23.30
CA LEU B 30 -7.78 -8.22 -24.36
C LEU B 30 -9.10 -8.76 -23.83
N GLY B 31 -10.20 -8.21 -24.30
CA GLY B 31 -11.53 -8.78 -23.95
C GLY B 31 -11.89 -9.86 -24.97
N VAL B 32 -12.30 -11.04 -24.50
CA VAL B 32 -12.54 -12.15 -25.43
C VAL B 32 -14.01 -12.46 -25.22
N PHE B 33 -14.81 -12.21 -26.25
CA PHE B 33 -16.29 -12.22 -26.16
C PHE B 33 -16.94 -12.90 -27.34
N GLN B 34 -18.23 -13.18 -27.23
CA GLN B 34 -18.90 -13.98 -28.26
C GLN B 34 -19.27 -13.13 -29.47
N GLY B 35 -19.47 -11.84 -29.24
CA GLY B 35 -19.81 -10.93 -30.32
C GLY B 35 -20.12 -9.52 -29.87
N VAL B 36 -20.47 -8.66 -30.81
CA VAL B 36 -20.61 -7.25 -30.53
C VAL B 36 -21.82 -6.87 -29.59
N GLY B 37 -22.77 -7.79 -29.43
CA GLY B 37 -23.97 -7.58 -28.59
C GLY B 37 -23.83 -8.29 -27.25
N ASP B 38 -22.70 -8.97 -27.04
CA ASP B 38 -22.40 -9.76 -25.83
C ASP B 38 -22.43 -8.83 -24.58
N PRO B 39 -23.37 -9.04 -23.65
CA PRO B 39 -23.45 -8.16 -22.49
C PRO B 39 -22.09 -7.95 -21.78
N GLY B 40 -21.28 -9.00 -21.72
CA GLY B 40 -19.98 -8.89 -21.05
C GLY B 40 -19.07 -7.97 -21.85
N TYR B 41 -19.16 -8.04 -23.16
CA TYR B 41 -18.39 -7.11 -24.00
C TYR B 41 -18.78 -5.64 -23.73
N LEU B 42 -20.07 -5.39 -23.56
CA LEU B 42 -20.54 -4.03 -23.33
C LEU B 42 -20.01 -3.49 -21.99
N GLN B 43 -19.99 -4.34 -20.97
CA GLN B 43 -19.40 -3.99 -19.69
C GLN B 43 -17.88 -3.68 -19.82
N TYR B 44 -17.19 -4.46 -20.63
CA TYR B 44 -15.76 -4.24 -20.88
C TYR B 44 -15.51 -2.87 -21.54
N GLN B 45 -16.29 -2.56 -22.58
CA GLN B 45 -16.20 -1.26 -23.30
C GLN B 45 -16.47 -0.08 -22.38
N ASP B 46 -17.39 -0.24 -21.42
CA ASP B 46 -17.65 0.82 -20.41
C ASP B 46 -16.42 1.07 -19.52
N ALA B 47 -15.84 -0.01 -19.00
CA ALA B 47 -14.60 0.06 -18.21
C ALA B 47 -13.44 0.68 -19.00
N ALA B 48 -13.31 0.25 -20.25
CA ALA B 48 -12.26 0.70 -21.14
C ALA B 48 -12.41 2.20 -21.44
N ASN B 49 -13.66 2.66 -21.56
CA ASN B 49 -13.93 4.08 -21.80
C ASN B 49 -13.40 4.92 -20.64
N THR B 50 -13.72 4.48 -19.43
CA THR B 50 -13.24 5.11 -18.20
C THR B 50 -11.71 5.20 -18.14
N LEU B 51 -11.04 4.13 -18.54
CA LEU B 51 -9.57 4.05 -18.51
C LEU B 51 -8.85 4.44 -19.82
N ARG B 52 -9.54 5.06 -20.77
CA ARG B 52 -8.98 5.22 -22.14
C ARG B 52 -7.74 6.11 -22.28
N GLU B 53 -7.52 7.05 -21.37
CA GLU B 53 -6.32 7.92 -21.47
C GLU B 53 -5.12 7.28 -20.75
N ASP B 54 -5.35 6.18 -20.03
CA ASP B 54 -4.31 5.50 -19.25
C ASP B 54 -3.85 4.17 -19.85
N TYR B 55 -4.71 3.48 -20.61
CA TYR B 55 -4.34 2.17 -21.18
C TYR B 55 -4.86 2.04 -22.61
N LYS B 56 -4.26 1.14 -23.39
CA LYS B 56 -4.86 0.75 -24.69
C LYS B 56 -5.64 -0.55 -24.49
N PHE B 57 -6.84 -0.63 -25.08
CA PHE B 57 -7.70 -1.81 -24.94
C PHE B 57 -7.99 -2.46 -26.29
N HIS B 58 -8.06 -3.79 -26.31
CA HIS B 58 -8.36 -4.55 -27.52
C HIS B 58 -9.45 -5.56 -27.19
N HIS B 59 -10.11 -6.07 -28.22
CA HIS B 59 -11.10 -7.14 -27.99
C HIS B 59 -11.12 -8.06 -29.17
N THR B 60 -11.61 -9.28 -28.96
CA THR B 60 -11.78 -10.18 -30.07
C THR B 60 -13.03 -10.99 -29.87
N PHE B 61 -13.62 -11.43 -30.97
CA PHE B 61 -14.73 -12.36 -30.91
C PHE B 61 -14.32 -13.70 -31.54
N SER B 62 -13.04 -13.87 -31.82
CA SER B 62 -12.50 -15.02 -32.60
C SER B 62 -12.32 -16.24 -31.73
N THR B 63 -13.00 -17.34 -32.06
CA THR B 63 -12.80 -18.62 -31.35
C THR B 63 -11.39 -19.13 -31.59
N GLU B 64 -10.81 -18.80 -32.74
CA GLU B 64 -9.45 -19.20 -33.07
C GLU B 64 -8.47 -18.53 -32.12
N ILE B 65 -8.68 -17.23 -31.87
CA ILE B 65 -7.77 -16.55 -30.98
C ILE B 65 -8.00 -17.03 -29.55
N ALA B 66 -9.27 -17.26 -29.16
CA ALA B 66 -9.59 -17.79 -27.83
C ALA B 66 -8.84 -19.12 -27.60
N LYS B 67 -8.95 -20.01 -28.58
CA LYS B 67 -8.26 -21.32 -28.56
C LYS B 67 -6.75 -21.20 -28.44
N PHE B 68 -6.17 -20.27 -29.20
CA PHE B 68 -4.75 -19.94 -29.06
C PHE B 68 -4.38 -19.51 -27.64
N LEU B 69 -5.20 -18.65 -27.04
CA LEU B 69 -4.91 -18.11 -25.73
C LEU B 69 -5.30 -19.06 -24.60
N LYS B 70 -5.90 -20.19 -24.98
CA LYS B 70 -6.54 -21.16 -24.09
C LYS B 70 -7.51 -20.58 -23.08
N VAL B 71 -8.50 -19.86 -23.58
CA VAL B 71 -9.54 -19.30 -22.72
C VAL B 71 -10.86 -19.58 -23.40
N SER B 72 -11.91 -19.72 -22.62
CA SER B 72 -13.24 -19.79 -23.25
C SER B 72 -13.67 -18.34 -23.48
N LEU B 73 -14.79 -18.13 -24.18
CA LEU B 73 -15.23 -16.77 -24.44
C LEU B 73 -15.81 -16.21 -23.16
N GLY B 74 -15.83 -14.89 -23.03
CA GLY B 74 -16.41 -14.24 -21.86
C GLY B 74 -15.39 -13.89 -20.81
N LYS B 75 -14.22 -13.43 -21.27
CA LYS B 75 -13.10 -13.20 -20.37
C LYS B 75 -12.41 -11.87 -20.64
N LEU B 76 -11.79 -11.31 -19.61
CA LEU B 76 -10.83 -10.25 -19.80
C LEU B 76 -9.45 -10.90 -19.58
N VAL B 77 -8.53 -10.71 -20.51
CA VAL B 77 -7.21 -11.37 -20.45
C VAL B 77 -6.15 -10.25 -20.43
N LEU B 78 -5.20 -10.31 -19.50
CA LEU B 78 -4.11 -9.34 -19.48
C LEU B 78 -2.81 -10.12 -19.57
N MSE B 79 -1.98 -9.69 -20.50
CA MSE B 79 -0.72 -10.32 -20.77
C MSE B 79 0.36 -9.26 -20.87
O MSE B 79 0.06 -8.10 -21.16
CB MSE B 79 -0.82 -11.10 -22.08
CG MSE B 79 -1.81 -12.22 -21.99
SE MSE B 79 -2.04 -13.09 -23.74
CE MSE B 79 -3.04 -11.70 -24.64
N GLN B 80 1.60 -9.63 -20.56
CA GLN B 80 2.67 -8.68 -20.72
C GLN B 80 3.46 -9.07 -21.97
N PRO B 81 4.12 -8.12 -22.61
CA PRO B 81 4.99 -8.56 -23.69
C PRO B 81 6.12 -9.48 -23.16
N GLU B 82 6.74 -10.25 -24.06
CA GLU B 82 7.76 -11.23 -23.70
C GLU B 82 8.88 -10.61 -22.89
N LYS B 83 9.29 -9.38 -23.25
CA LYS B 83 10.42 -8.75 -22.53
C LYS B 83 10.12 -8.49 -21.02
N PHE B 84 8.84 -8.52 -20.63
CA PHE B 84 8.48 -8.31 -19.22
C PHE B 84 7.97 -9.53 -18.48
N GLN B 85 7.96 -10.70 -19.16
CA GLN B 85 7.51 -11.97 -18.56
C GLN B 85 8.59 -12.45 -17.58
N SER B 86 8.24 -13.41 -16.71
CA SER B 86 9.26 -13.99 -15.84
C SER B 86 8.76 -15.31 -15.34
N LYS B 87 9.67 -16.04 -14.74
CA LYS B 87 9.31 -17.39 -14.26
C LYS B 87 8.38 -17.34 -13.04
N TYR B 88 8.25 -16.16 -12.44
CA TYR B 88 7.36 -15.99 -11.25
C TYR B 88 5.93 -15.52 -11.52
N GLU B 89 5.61 -15.30 -12.78
CA GLU B 89 4.33 -14.68 -13.13
C GLU B 89 3.64 -15.50 -14.17
N PRO B 90 2.30 -15.65 -14.07
CA PRO B 90 1.57 -16.36 -15.12
C PRO B 90 1.64 -15.59 -16.42
N ARG B 91 1.58 -16.28 -17.56
CA ARG B 91 1.57 -15.59 -18.82
C ARG B 91 0.32 -14.77 -19.00
N MSE B 92 -0.76 -15.15 -18.33
CA MSE B 92 -1.97 -14.35 -18.43
C MSE B 92 -2.71 -14.27 -17.14
O MSE B 92 -2.64 -15.21 -16.30
CB MSE B 92 -2.89 -14.83 -19.56
CG MSE B 92 -3.15 -16.30 -19.69
SE MSE B 92 -4.09 -16.56 -21.47
CE MSE B 92 -2.57 -17.00 -22.49
N HIS B 93 -3.34 -13.13 -16.91
CA HIS B 93 -4.29 -12.97 -15.81
C HIS B 93 -5.67 -12.91 -16.47
N VAL B 94 -6.58 -13.79 -16.03
CA VAL B 94 -7.85 -13.97 -16.70
C VAL B 94 -8.99 -13.74 -15.69
N MSE B 95 -9.94 -12.89 -16.06
CA MSE B 95 -11.06 -12.55 -15.22
C MSE B 95 -12.34 -12.86 -15.98
O MSE B 95 -12.45 -12.48 -17.14
CB MSE B 95 -11.03 -11.06 -14.85
CG MSE B 95 -12.24 -10.67 -13.99
SE MSE B 95 -12.27 -8.78 -13.70
CE MSE B 95 -12.42 -8.23 -15.31
N ASP B 96 -13.27 -13.54 -15.33
CA ASP B 96 -14.58 -13.80 -15.97
C ASP B 96 -15.32 -12.49 -16.11
N VAL B 97 -15.97 -12.26 -17.26
CA VAL B 97 -16.72 -11.03 -17.49
C VAL B 97 -18.05 -11.36 -18.16
N GLN B 98 -19.15 -11.08 -17.45
CA GLN B 98 -20.51 -11.21 -18.03
C GLN B 98 -21.32 -9.93 -17.88
N GLY B 99 -22.60 -9.98 -18.29
CA GLY B 99 -23.43 -8.81 -18.23
C GLY B 99 -23.54 -8.29 -16.82
N SER B 100 -23.46 -9.20 -15.86
CA SER B 100 -23.65 -8.87 -14.45
C SER B 100 -22.37 -8.33 -13.81
N THR B 101 -21.22 -8.56 -14.43
CA THR B 101 -19.96 -8.02 -13.97
C THR B 101 -19.95 -6.50 -13.89
N GLU B 102 -19.61 -5.97 -12.71
CA GLU B 102 -19.50 -4.53 -12.50
C GLU B 102 -18.36 -3.97 -13.32
N ALA B 103 -18.56 -2.83 -13.98
CA ALA B 103 -17.48 -2.21 -14.73
C ALA B 103 -16.37 -1.77 -13.79
N SER B 104 -16.71 -1.34 -12.58
CA SER B 104 -15.65 -0.97 -11.61
C SER B 104 -14.82 -2.16 -11.19
N ALA B 105 -15.37 -3.37 -11.19
CA ALA B 105 -14.55 -4.59 -10.98
C ALA B 105 -13.57 -4.83 -12.15
N ILE B 106 -14.04 -4.63 -13.36
CA ILE B 106 -13.16 -4.73 -14.55
C ILE B 106 -12.05 -3.71 -14.46
N LYS B 107 -12.40 -2.45 -14.13
CA LYS B 107 -11.44 -1.36 -14.02
C LYS B 107 -10.42 -1.65 -12.92
N ASP B 108 -10.89 -2.07 -11.74
CA ASP B 108 -10.00 -2.47 -10.66
C ASP B 108 -9.02 -3.56 -11.09
N TYR B 109 -9.51 -4.61 -11.77
CA TYR B 109 -8.65 -5.72 -12.18
C TYR B 109 -7.53 -5.25 -13.13
N VAL B 110 -7.87 -4.38 -14.08
CA VAL B 110 -6.86 -3.83 -15.01
C VAL B 110 -5.79 -3.06 -14.23
N VAL B 111 -6.22 -2.18 -13.32
CA VAL B 111 -5.26 -1.39 -12.56
C VAL B 111 -4.39 -2.33 -11.72
N LYS B 112 -5.01 -3.27 -11.03
CA LYS B 112 -4.31 -4.24 -10.19
C LYS B 112 -3.23 -4.98 -10.95
N HIS B 113 -3.55 -5.46 -12.16
CA HIS B 113 -2.65 -6.32 -12.93
C HIS B 113 -1.92 -5.72 -14.12
N ALA B 114 -1.90 -4.41 -14.21
CA ALA B 114 -1.30 -3.75 -15.35
C ALA B 114 0.24 -3.80 -15.28
N LEU B 115 0.82 -3.85 -14.08
CA LEU B 115 2.29 -3.76 -14.04
C LEU B 115 2.90 -5.14 -13.94
N PRO B 116 3.99 -5.38 -14.66
CA PRO B 116 4.72 -6.61 -14.40
C PRO B 116 5.49 -6.53 -13.09
N LEU B 117 6.00 -7.68 -12.65
CA LEU B 117 6.78 -7.72 -11.42
C LEU B 117 8.00 -6.79 -11.56
N VAL B 118 8.67 -6.82 -12.72
CA VAL B 118 9.72 -5.80 -12.97
C VAL B 118 9.60 -5.27 -14.40
N GLY B 119 8.95 -4.12 -14.50
CA GLY B 119 8.75 -3.46 -15.78
C GLY B 119 9.80 -2.40 -16.03
N HIS B 120 9.61 -1.64 -17.10
CA HIS B 120 10.58 -0.57 -17.49
C HIS B 120 9.97 0.82 -17.23
N ARG B 121 10.49 1.51 -16.21
CA ARG B 121 10.04 2.84 -15.87
C ARG B 121 10.76 3.82 -16.80
N LYS B 122 9.98 4.66 -17.49
CA LYS B 122 10.45 5.57 -18.52
C LYS B 122 9.87 6.94 -18.24
N THR B 123 10.63 8.00 -18.53
CA THR B 123 10.10 9.35 -18.38
C THR B 123 8.76 9.57 -19.11
N SER B 124 8.48 8.75 -20.12
CA SER B 124 7.21 8.81 -20.86
C SER B 124 6.05 8.04 -20.21
N ASN B 125 6.32 7.29 -19.16
CA ASN B 125 5.29 6.47 -18.52
C ASN B 125 5.28 6.57 -17.00
N ASP B 126 6.22 7.31 -16.43
CA ASP B 126 6.39 7.22 -14.99
C ASP B 126 5.21 7.78 -14.21
N ALA B 127 4.62 8.86 -14.71
CA ALA B 127 3.41 9.42 -14.11
C ALA B 127 2.21 8.48 -14.18
N LYS B 128 1.96 7.94 -15.36
CA LYS B 128 0.82 7.02 -15.56
C LYS B 128 1.05 5.67 -14.90
N ARG B 129 2.23 5.08 -15.08
CA ARG B 129 2.47 3.70 -14.67
C ARG B 129 3.11 3.57 -13.31
N TYR B 130 3.98 4.50 -12.97
CA TYR B 130 4.81 4.31 -11.78
C TYR B 130 4.63 5.36 -10.69
N SER B 131 3.35 5.68 -10.42
CA SER B 131 2.96 6.63 -9.38
C SER B 131 2.84 5.96 -8.00
N LYS B 132 2.66 4.64 -7.95
CA LYS B 132 2.49 3.95 -6.67
C LYS B 132 3.82 3.93 -5.90
N ARG B 133 3.72 4.04 -4.57
CA ARG B 133 4.89 4.04 -3.66
C ARG B 133 4.61 3.12 -2.46
N PRO B 134 5.69 2.57 -1.86
CA PRO B 134 7.11 2.73 -2.29
C PRO B 134 7.48 2.07 -3.65
N LEU B 135 8.45 2.68 -4.34
CA LEU B 135 8.90 2.22 -5.65
C LEU B 135 10.39 2.00 -5.58
N VAL B 136 10.82 0.79 -5.91
CA VAL B 136 12.25 0.47 -5.95
C VAL B 136 12.71 0.59 -7.40
N VAL B 137 13.69 1.47 -7.68
CA VAL B 137 14.19 1.65 -9.05
C VAL B 137 15.64 1.20 -9.20
N VAL B 138 15.92 0.40 -10.25
CA VAL B 138 17.26 -0.04 -10.56
C VAL B 138 17.69 0.61 -11.86
N TYR B 139 18.76 1.41 -11.79
CA TYR B 139 19.25 2.18 -12.92
C TYR B 139 20.44 1.54 -13.63
N TYR B 140 20.33 1.44 -14.96
CA TYR B 140 21.41 0.97 -15.81
C TYR B 140 21.20 1.31 -17.28
N SER B 141 21.99 0.73 -18.17
CA SER B 141 21.76 0.98 -19.59
C SER B 141 20.70 -0.01 -20.08
N VAL B 142 19.49 0.49 -20.28
CA VAL B 142 18.35 -0.41 -20.57
C VAL B 142 18.12 -0.42 -22.07
N ASP B 143 18.26 -1.58 -22.71
CA ASP B 143 18.17 -1.61 -24.18
C ASP B 143 17.65 -2.98 -24.60
N PHE B 144 16.43 -3.00 -25.11
CA PHE B 144 15.78 -4.26 -25.47
C PHE B 144 16.00 -4.65 -26.94
N SER B 145 16.86 -3.93 -27.64
CA SER B 145 17.14 -4.30 -29.04
C SER B 145 17.86 -5.67 -29.08
N PHE B 146 17.86 -6.29 -30.26
CA PHE B 146 18.46 -7.61 -30.45
C PHE B 146 19.89 -7.75 -29.89
N ASP B 147 20.75 -6.78 -30.20
CA ASP B 147 22.14 -6.81 -29.74
C ASP B 147 22.36 -6.58 -28.24
N TYR B 148 21.39 -5.98 -27.52
CA TYR B 148 21.65 -5.60 -26.12
C TYR B 148 20.68 -6.19 -25.11
N ARG B 149 19.65 -6.86 -25.61
CA ARG B 149 18.58 -7.36 -24.72
C ARG B 149 19.04 -8.50 -23.79
N THR B 150 19.99 -9.34 -24.21
CA THR B 150 20.51 -10.34 -23.29
C THR B 150 21.11 -9.71 -22.03
N ALA B 151 21.97 -8.69 -22.21
CA ALA B 151 22.57 -7.99 -21.07
C ALA B 151 21.51 -7.27 -20.22
N THR B 152 20.52 -6.67 -20.89
CA THR B 152 19.47 -5.98 -20.16
C THR B 152 18.68 -6.95 -19.29
N GLN B 153 18.41 -8.13 -19.83
CA GLN B 153 17.63 -9.16 -19.10
C GLN B 153 18.48 -9.80 -18.01
N PHE B 154 19.80 -9.83 -18.24
CA PHE B 154 20.73 -10.32 -17.21
C PHE B 154 20.51 -9.54 -15.92
N TRP B 155 20.56 -8.21 -16.01
CA TRP B 155 20.32 -7.35 -14.88
C TRP B 155 18.87 -7.35 -14.40
N ARG B 156 17.94 -7.33 -15.33
CA ARG B 156 16.52 -7.47 -14.92
C ARG B 156 16.23 -8.68 -14.04
N ASN B 157 16.87 -9.80 -14.37
CA ASN B 157 16.72 -11.03 -13.68
C ASN B 157 17.19 -10.90 -12.20
N LYS B 158 18.24 -10.12 -11.95
CA LYS B 158 18.71 -9.89 -10.56
C LYS B 158 17.65 -9.15 -9.79
N VAL B 159 17.01 -8.19 -10.47
CA VAL B 159 15.93 -7.41 -9.86
C VAL B 159 14.71 -8.31 -9.56
N LEU B 160 14.36 -9.19 -10.49
CA LEU B 160 13.15 -10.03 -10.32
C LEU B 160 13.30 -10.95 -9.09
N GLU B 161 14.51 -11.41 -8.90
CA GLU B 161 14.77 -12.28 -7.72
C GLU B 161 14.41 -11.61 -6.37
N VAL B 162 14.56 -10.29 -6.30
CA VAL B 162 14.22 -9.54 -5.09
C VAL B 162 12.75 -9.14 -5.11
N ALA B 163 12.31 -8.68 -6.27
CA ALA B 163 10.94 -8.19 -6.41
C ALA B 163 9.94 -9.23 -5.97
N LYS B 164 10.17 -10.50 -6.27
CA LYS B 164 9.14 -11.51 -5.96
C LYS B 164 8.94 -11.69 -4.46
N ASP B 165 9.92 -11.24 -3.69
CA ASP B 165 9.87 -11.43 -2.23
C ASP B 165 9.30 -10.23 -1.51
N PHE B 166 9.07 -9.15 -2.26
CA PHE B 166 8.54 -7.91 -1.68
C PHE B 166 7.34 -7.41 -2.47
N PRO B 167 6.28 -8.22 -2.50
CA PRO B 167 5.15 -7.81 -3.32
C PRO B 167 4.53 -6.51 -2.85
N GLU B 168 4.86 -6.09 -1.64
CA GLU B 168 4.33 -4.85 -1.06
C GLU B 168 4.95 -3.57 -1.67
N TYR B 169 6.07 -3.74 -2.41
CA TYR B 169 6.70 -2.63 -3.14
C TYR B 169 6.63 -2.90 -4.65
N THR B 170 6.62 -1.82 -5.42
CA THR B 170 6.72 -1.89 -6.90
C THR B 170 8.20 -1.77 -7.22
N PHE B 171 8.69 -2.58 -8.18
CA PHE B 171 10.11 -2.55 -8.60
C PHE B 171 10.12 -2.23 -10.10
N ALA B 172 11.12 -1.47 -10.57
CA ALA B 172 11.22 -1.20 -12.02
C ALA B 172 12.68 -1.04 -12.38
N ILE B 173 13.03 -1.32 -13.63
CA ILE B 173 14.39 -0.95 -14.09
C ILE B 173 14.21 0.39 -14.80
N ALA B 174 15.24 1.24 -14.79
CA ALA B 174 15.16 2.53 -15.46
C ALA B 174 16.48 2.80 -16.17
N ASP B 175 16.40 3.44 -17.35
CA ASP B 175 17.63 3.78 -18.06
C ASP B 175 18.38 4.95 -17.39
N GLU B 176 19.69 4.75 -17.15
CA GLU B 176 20.47 5.72 -16.33
C GLU B 176 20.66 7.08 -17.02
N GLU B 177 20.57 7.09 -18.35
CA GLU B 177 20.66 8.32 -19.15
C GLU B 177 19.32 9.02 -19.21
N ASP B 178 18.26 8.25 -19.49
CA ASP B 178 16.87 8.73 -19.41
C ASP B 178 16.64 9.47 -18.10
N TYR B 179 17.18 8.93 -17.02
CA TYR B 179 17.03 9.54 -15.69
C TYR B 179 18.30 10.18 -15.15
N ALA B 180 19.11 10.73 -16.05
CA ALA B 180 20.38 11.38 -15.69
C ALA B 180 20.27 12.32 -14.48
N THR B 181 19.32 13.26 -14.54
CA THR B 181 19.25 14.27 -13.49
C THR B 181 18.67 13.69 -12.20
N GLU B 182 17.72 12.76 -12.31
CA GLU B 182 17.27 12.02 -11.13
C GLU B 182 18.46 11.31 -10.46
N VAL B 183 19.28 10.64 -11.28
CA VAL B 183 20.49 9.94 -10.80
C VAL B 183 21.56 10.87 -10.15
N LYS B 184 21.73 12.06 -10.69
CA LYS B 184 22.70 13.02 -10.14
C LYS B 184 22.16 13.56 -8.83
N ASP B 185 20.87 13.86 -8.81
CA ASP B 185 20.18 14.33 -7.62
C ASP B 185 20.16 13.29 -6.50
N LEU B 186 20.26 12.02 -6.87
CA LEU B 186 20.35 10.93 -5.89
C LEU B 186 21.76 10.76 -5.30
N GLY B 187 22.74 11.49 -5.84
CA GLY B 187 24.13 11.41 -5.41
C GLY B 187 24.88 10.26 -6.06
N LEU B 188 24.30 9.73 -7.14
CA LEU B 188 24.76 8.47 -7.72
C LEU B 188 25.54 8.59 -9.05
N SER B 189 25.54 9.78 -9.65
CA SER B 189 26.26 9.98 -10.91
C SER B 189 27.76 9.91 -10.69
N GLU B 190 28.20 10.41 -9.52
CA GLU B 190 29.63 10.42 -9.13
C GLU B 190 30.18 8.99 -9.00
N SER B 191 29.72 8.25 -7.98
CA SER B 191 30.23 6.89 -7.70
C SER B 191 29.99 6.00 -8.92
N GLY B 192 30.87 5.01 -9.10
CA GLY B 192 31.09 4.43 -10.42
C GLY B 192 30.89 2.94 -10.58
N GLY B 193 29.65 2.51 -10.40
CA GLY B 193 29.21 1.17 -10.77
C GLY B 193 28.30 1.30 -11.96
N ASP B 194 28.21 0.25 -12.78
CA ASP B 194 27.31 0.25 -13.95
C ASP B 194 25.83 0.13 -13.59
N VAL B 195 25.53 -0.35 -12.38
CA VAL B 195 24.14 -0.53 -11.93
C VAL B 195 23.96 0.10 -10.55
N ASN B 196 22.91 0.91 -10.39
CA ASN B 196 22.62 1.59 -9.12
C ASN B 196 21.14 1.44 -8.78
N ALA B 197 20.79 1.74 -7.52
CA ALA B 197 19.39 1.56 -7.06
C ALA B 197 18.94 2.65 -6.08
N ALA B 198 17.68 3.01 -6.18
CA ALA B 198 17.03 3.90 -5.22
C ALA B 198 15.62 3.44 -4.84
N ILE B 199 15.11 4.01 -3.75
CA ILE B 199 13.73 3.83 -3.35
C ILE B 199 13.05 5.19 -3.25
N LEU B 200 11.92 5.35 -3.93
CA LEU B 200 11.05 6.50 -3.66
C LEU B 200 9.96 6.10 -2.65
N ASP B 201 9.83 6.82 -1.52
CA ASP B 201 8.78 6.45 -0.55
C ASP B 201 7.48 7.26 -0.68
N GLU B 202 6.46 6.87 0.09
CA GLU B 202 5.14 7.48 -0.01
C GLU B 202 5.11 8.95 0.44
N SER B 203 6.19 9.44 1.03
CA SER B 203 6.24 10.84 1.52
C SER B 203 7.11 11.79 0.70
N GLY B 204 7.52 11.36 -0.49
CA GLY B 204 8.38 12.18 -1.35
C GLY B 204 9.86 12.15 -0.98
N LYS B 205 10.23 11.37 0.03
CA LYS B 205 11.63 11.10 0.34
C LYS B 205 12.19 10.11 -0.68
N LYS B 206 13.49 10.19 -0.92
CA LYS B 206 14.19 9.26 -1.81
C LYS B 206 15.43 8.76 -1.07
N PHE B 207 15.75 7.47 -1.22
CA PHE B 207 16.93 6.88 -0.58
C PHE B 207 17.85 6.33 -1.69
N ALA B 208 19.15 6.57 -1.59
CA ALA B 208 20.07 6.03 -2.61
C ALA B 208 20.90 4.88 -2.05
N MSE B 209 21.05 3.81 -2.82
CA MSE B 209 21.85 2.67 -2.39
C MSE B 209 23.33 2.93 -2.51
O MSE B 209 23.83 3.27 -3.58
CB MSE B 209 21.52 1.39 -3.17
CG MSE B 209 22.41 0.19 -2.84
SE MSE B 209 21.82 -1.36 -3.82
CE MSE B 209 23.41 -2.08 -4.39
N GLU B 210 24.03 2.73 -1.39
CA GLU B 210 25.50 2.67 -1.35
C GLU B 210 26.04 1.88 -2.54
N PRO B 211 26.74 2.54 -3.50
CA PRO B 211 27.31 1.81 -4.64
C PRO B 211 28.23 0.66 -4.23
N GLU B 212 27.91 -0.55 -4.70
CA GLU B 212 28.71 -1.76 -4.45
C GLU B 212 28.54 -2.65 -5.66
N GLU B 213 29.28 -3.76 -5.73
CA GLU B 213 29.04 -4.76 -6.78
C GLU B 213 27.55 -5.10 -6.71
N PHE B 214 26.83 -4.80 -7.78
CA PHE B 214 25.38 -4.99 -7.77
C PHE B 214 25.02 -6.45 -7.98
N ASP B 215 24.28 -6.99 -7.02
CA ASP B 215 23.71 -8.33 -7.14
C ASP B 215 22.41 -8.34 -6.35
N SER B 216 21.67 -9.45 -6.47
CA SER B 216 20.41 -9.61 -5.73
C SER B 216 20.50 -9.41 -4.21
N ASP B 217 21.54 -9.97 -3.61
CA ASP B 217 21.79 -9.81 -2.16
C ASP B 217 21.87 -8.35 -1.71
N ALA B 218 22.70 -7.58 -2.40
CA ALA B 218 22.90 -6.17 -2.11
C ALA B 218 21.59 -5.42 -2.25
N LEU B 219 20.87 -5.72 -3.35
CA LEU B 219 19.56 -5.16 -3.55
C LEU B 219 18.58 -5.59 -2.46
N ARG B 220 18.59 -6.87 -2.10
CA ARG B 220 17.75 -7.35 -0.99
C ARG B 220 18.01 -6.62 0.34
N GLU B 221 19.29 -6.38 0.61
CA GLU B 221 19.75 -5.71 1.85
C GLU B 221 19.30 -4.24 1.95
N PHE B 222 19.43 -3.53 0.83
CA PHE B 222 18.95 -2.17 0.64
C PHE B 222 17.41 -2.07 0.90
N VAL B 223 16.63 -2.90 0.20
CA VAL B 223 15.16 -2.97 0.45
C VAL B 223 14.80 -3.35 1.90
N MSE B 224 15.48 -4.35 2.46
CA MSE B 224 15.27 -4.73 3.87
C MSE B 224 15.59 -3.58 4.83
O MSE B 224 14.85 -3.34 5.80
CB MSE B 224 16.10 -5.97 4.24
CG MSE B 224 15.39 -7.30 4.00
SE MSE B 224 13.71 -7.46 5.05
CE MSE B 224 13.14 -9.32 4.54
N ALA B 225 16.65 -2.84 4.54
CA ALA B 225 17.09 -1.74 5.42
C ALA B 225 16.02 -0.64 5.37
N PHE B 226 15.50 -0.41 4.17
CA PHE B 226 14.40 0.53 3.95
C PHE B 226 13.17 0.14 4.77
N LYS B 227 12.76 -1.12 4.63
CA LYS B 227 11.60 -1.66 5.32
C LYS B 227 11.71 -1.39 6.81
N LYS B 228 12.93 -1.49 7.31
CA LYS B 228 13.20 -1.40 8.74
C LYS B 228 13.47 0.01 9.26
N GLY B 229 13.30 1.00 8.38
CA GLY B 229 13.53 2.40 8.72
C GLY B 229 14.98 2.68 9.05
N LYS B 230 15.88 1.95 8.40
CA LYS B 230 17.28 1.88 8.78
C LYS B 230 18.14 2.79 7.87
N LEU B 231 17.48 3.39 6.86
CA LEU B 231 18.12 4.31 5.90
C LEU B 231 17.69 5.76 6.10
N LYS B 232 18.53 6.69 5.61
CA LYS B 232 18.25 8.12 5.70
C LYS B 232 18.19 8.67 4.28
N PRO B 233 17.19 9.57 4.01
CA PRO B 233 16.97 10.13 2.67
C PRO B 233 18.14 10.98 2.16
#